data_5CMM
#
_entry.id   5CMM
#
_cell.length_a   52.308
_cell.length_b   52.308
_cell.length_c   170.923
_cell.angle_alpha   90.00
_cell.angle_beta   90.00
_cell.angle_gamma   120.00
#
_symmetry.space_group_name_H-M   'P 61'
#
loop_
_entity.id
_entity.type
_entity.pdbx_description
1 polymer 'Glutamate receptor ionotropic, kainate 2'
2 non-polymer 2S,4R-4-METHYLGLUTAMATE
3 water water
#
_entity_poly.entity_id   1
_entity_poly.type   'polypeptide(L)'
_entity_poly.pdbx_seq_one_letter_code
;GSNRSLIVTTILEEPYVLFKKSDKPLYGNDRFEGYCIDLLRELSTILGFTYEIRLVEDGKYGAQDDVNGQWNGMVRELID
HKADLAVAPLTITYVREKVIDFSKPFMTLGISILYRKGTPIDSADDLAKQTKIEYGAVEDGSTMTFFKKSKISTYDKMWA
FMSSRRQSVLVKSSEEGIQRVLTSDYALLMESTTIEFVTQRNCNLTQIGGLIDSKGYGVGTPMGSPYRDKITIAILQLQE
EGKLHMMKEKWWRGNGCPE
;
_entity_poly.pdbx_strand_id   A
#
loop_
_chem_comp.id
_chem_comp.type
_chem_comp.name
_chem_comp.formula
SYM non-polymer 2S,4R-4-METHYLGLUTAMATE 'C6 H10 N O4 -1'
#
# COMPACT_ATOMS: atom_id res chain seq x y z
N GLY A 1 -30.53 21.30 -2.50
CA GLY A 1 -30.52 19.82 -2.65
C GLY A 1 -29.84 19.10 -1.50
N SER A 2 -29.75 17.78 -1.60
CA SER A 2 -29.16 16.95 -0.56
C SER A 2 -27.64 16.98 -0.64
N ASN A 3 -26.98 16.43 0.38
CA ASN A 3 -25.53 16.42 0.41
C ASN A 3 -24.96 15.47 -0.62
N ARG A 4 -24.01 15.96 -1.40
CA ARG A 4 -23.38 15.10 -2.41
C ARG A 4 -22.54 14.01 -1.76
N SER A 5 -22.40 12.92 -2.50
CA SER A 5 -21.54 11.84 -2.10
C SER A 5 -20.09 12.25 -2.25
N LEU A 6 -19.26 11.79 -1.31
CA LEU A 6 -17.82 11.96 -1.45
C LEU A 6 -17.27 10.99 -2.48
N ILE A 7 -16.31 11.48 -3.26
CA ILE A 7 -15.58 10.63 -4.18
C ILE A 7 -14.37 10.05 -3.45
N VAL A 8 -14.29 8.72 -3.42
CA VAL A 8 -13.22 8.03 -2.73
C VAL A 8 -12.34 7.31 -3.73
N THR A 9 -11.07 7.73 -3.82
CA THR A 9 -10.13 7.04 -4.67
C THR A 9 -9.49 5.89 -3.89
N THR A 10 -9.18 4.81 -4.59
CA THR A 10 -8.53 3.68 -3.99
C THR A 10 -7.84 2.90 -5.09
N ILE A 11 -7.28 1.75 -4.76
CA ILE A 11 -6.42 1.02 -5.68
C ILE A 11 -6.57 -0.47 -5.37
N LEU A 12 -6.46 -1.31 -6.39
CA LEU A 12 -6.58 -2.75 -6.17
C LEU A 12 -5.31 -3.25 -5.52
N GLU A 13 -5.46 -3.88 -4.36
CA GLU A 13 -4.33 -4.45 -3.65
C GLU A 13 -4.91 -5.42 -2.63
N GLU A 14 -4.73 -6.71 -2.84
CA GLU A 14 -5.27 -7.69 -1.90
C GLU A 14 -4.46 -7.65 -0.60
N PRO A 15 -5.12 -7.79 0.57
CA PRO A 15 -6.54 -8.00 0.85
C PRO A 15 -7.25 -6.69 1.24
N TYR A 16 -6.67 -5.55 0.86
CA TYR A 16 -7.23 -4.24 1.20
C TYR A 16 -8.41 -3.88 0.31
N VAL A 17 -8.28 -4.13 -0.99
CA VAL A 17 -9.29 -3.79 -1.97
C VAL A 17 -9.24 -4.81 -3.10
N LEU A 18 -10.37 -5.43 -3.37
CA LEU A 18 -10.45 -6.38 -4.47
C LEU A 18 -11.83 -6.39 -5.08
N PHE A 19 -11.94 -6.96 -6.29
CA PHE A 19 -13.24 -7.15 -6.91
C PHE A 19 -13.88 -8.37 -6.30
N LYS A 20 -15.07 -8.17 -5.75
CA LYS A 20 -15.83 -9.25 -5.14
C LYS A 20 -16.30 -10.21 -6.22
N LYS A 21 -16.15 -11.50 -5.98
CA LYS A 21 -16.66 -12.52 -6.88
C LYS A 21 -18.16 -12.75 -6.62
N SER A 22 -18.93 -12.97 -7.68
CA SER A 22 -20.37 -13.15 -7.51
C SER A 22 -20.99 -13.84 -8.72
N ASP A 23 -22.18 -14.40 -8.53
CA ASP A 23 -22.87 -15.12 -9.61
C ASP A 23 -23.58 -14.17 -10.57
N LYS A 24 -24.07 -13.04 -10.06
CA LYS A 24 -24.69 -12.02 -10.90
C LYS A 24 -23.80 -10.77 -10.96
N PRO A 25 -23.97 -9.93 -12.01
CA PRO A 25 -23.15 -8.71 -12.10
C PRO A 25 -23.35 -7.75 -10.93
N LEU A 26 -22.25 -7.13 -10.49
CA LEU A 26 -22.26 -6.12 -9.44
C LEU A 26 -21.93 -4.78 -10.06
N TYR A 27 -22.53 -3.70 -9.56
CA TYR A 27 -22.37 -2.38 -10.13
C TYR A 27 -21.98 -1.38 -9.07
N GLY A 28 -21.30 -0.34 -9.48
CA GLY A 28 -20.96 0.74 -8.57
C GLY A 28 -20.16 0.24 -7.37
N ASN A 29 -20.48 0.74 -6.18
CA ASN A 29 -19.73 0.40 -4.97
C ASN A 29 -19.79 -1.07 -4.62
N ASP A 30 -20.84 -1.74 -5.07
CA ASP A 30 -21.03 -3.16 -4.76
C ASP A 30 -19.92 -4.04 -5.35
N ARG A 31 -19.18 -3.53 -6.34
CA ARG A 31 -18.12 -4.31 -6.97
C ARG A 31 -16.96 -4.64 -6.04
N PHE A 32 -16.79 -3.85 -4.99
CA PHE A 32 -15.56 -3.89 -4.19
C PHE A 32 -15.73 -4.49 -2.80
N GLU A 33 -14.67 -5.18 -2.34
CA GLU A 33 -14.60 -5.67 -0.96
C GLU A 33 -13.15 -5.61 -0.48
N GLY A 34 -12.96 -5.77 0.83
CA GLY A 34 -11.64 -5.86 1.43
C GLY A 34 -11.53 -5.03 2.69
N TYR A 35 -10.38 -5.12 3.36
CA TYR A 35 -10.13 -4.40 4.60
C TYR A 35 -10.43 -2.90 4.44
N CYS A 36 -9.91 -2.28 3.39
CA CYS A 36 -10.12 -0.84 3.24
C CYS A 36 -11.54 -0.48 2.86
N ILE A 37 -12.24 -1.41 2.22
CA ILE A 37 -13.67 -1.21 1.92
C ILE A 37 -14.49 -1.27 3.21
N ASP A 38 -14.18 -2.22 4.09
CA ASP A 38 -14.84 -2.26 5.39
C ASP A 38 -14.51 -1.00 6.19
N LEU A 39 -13.28 -0.54 6.10
CA LEU A 39 -12.88 0.70 6.79
C LEU A 39 -13.69 1.89 6.29
N LEU A 40 -13.78 2.02 4.97
CA LEU A 40 -14.56 3.08 4.36
C LEU A 40 -16.01 3.03 4.84
N ARG A 41 -16.60 1.84 4.87
N ARG A 41 -16.61 1.84 4.89
CA ARG A 41 -17.97 1.67 5.35
CA ARG A 41 -18.00 1.73 5.34
C ARG A 41 -18.10 2.21 6.77
C ARG A 41 -18.12 2.20 6.79
N GLU A 42 -17.19 1.82 7.65
CA GLU A 42 -17.21 2.31 9.03
C GLU A 42 -17.08 3.83 9.10
N LEU A 43 -16.17 4.40 8.32
CA LEU A 43 -15.99 5.84 8.36
C LEU A 43 -17.25 6.55 7.89
N SER A 44 -17.92 6.02 6.89
CA SER A 44 -19.12 6.64 6.35
C SER A 44 -20.24 6.66 7.40
N THR A 45 -20.34 5.60 8.19
CA THR A 45 -21.41 5.56 9.19
C THR A 45 -21.04 6.40 10.40
N ILE A 46 -19.76 6.41 10.78
CA ILE A 46 -19.33 7.21 11.92
C ILE A 46 -19.47 8.71 11.63
N LEU A 47 -19.06 9.14 10.45
CA LEU A 47 -19.04 10.56 10.10
C LEU A 47 -20.37 11.01 9.53
N GLY A 48 -21.08 10.09 8.91
CA GLY A 48 -22.34 10.39 8.26
C GLY A 48 -22.19 10.96 6.86
N PHE A 49 -21.59 10.19 5.95
CA PHE A 49 -21.52 10.57 4.54
C PHE A 49 -21.87 9.42 3.62
N THR A 50 -22.27 9.75 2.39
CA THR A 50 -22.38 8.76 1.33
C THR A 50 -21.19 8.92 0.40
N TYR A 51 -20.95 7.93 -0.44
CA TYR A 51 -19.71 7.92 -1.20
C TYR A 51 -19.82 7.13 -2.49
N GLU A 52 -18.91 7.43 -3.41
CA GLU A 52 -18.72 6.67 -4.64
C GLU A 52 -17.25 6.31 -4.74
N ILE A 53 -16.97 5.01 -4.85
CA ILE A 53 -15.61 4.50 -4.98
C ILE A 53 -15.21 4.57 -6.43
N ARG A 54 -14.02 5.11 -6.68
CA ARG A 54 -13.43 5.09 -8.01
C ARG A 54 -11.98 4.66 -7.92
N LEU A 55 -11.59 3.64 -8.68
CA LEU A 55 -10.20 3.22 -8.71
C LEU A 55 -9.37 4.32 -9.35
N VAL A 56 -8.21 4.59 -8.76
CA VAL A 56 -7.30 5.60 -9.27
C VAL A 56 -7.03 5.39 -10.76
N GLU A 57 -7.27 6.43 -11.56
CA GLU A 57 -7.30 6.27 -13.01
C GLU A 57 -5.97 5.74 -13.57
N ASP A 58 -4.85 6.23 -13.06
CA ASP A 58 -3.53 5.84 -13.56
C ASP A 58 -2.95 4.58 -12.90
N GLY A 59 -3.69 4.00 -11.95
CA GLY A 59 -3.26 2.78 -11.30
C GLY A 59 -2.10 2.89 -10.33
N LYS A 60 -1.78 4.09 -9.88
CA LYS A 60 -0.59 4.31 -9.06
C LYS A 60 -0.91 4.82 -7.67
N TYR A 61 -0.01 4.55 -6.74
CA TYR A 61 -0.08 5.09 -5.39
C TYR A 61 0.28 6.58 -5.38
N GLY A 62 1.51 6.89 -5.81
CA GLY A 62 1.90 8.28 -6.02
C GLY A 62 3.35 8.53 -5.73
N ALA A 63 4.01 9.12 -6.70
CA ALA A 63 5.40 9.55 -6.55
C ALA A 63 5.59 10.83 -7.33
N GLN A 64 6.71 11.50 -7.04
CA GLN A 64 7.08 12.79 -7.63
C GLN A 64 8.02 12.63 -8.80
N ASP A 65 7.73 13.36 -9.85
CA ASP A 65 8.59 13.40 -11.02
C ASP A 65 9.83 14.24 -10.74
N ASP A 66 11.00 13.72 -11.14
CA ASP A 66 12.28 14.38 -10.91
C ASP A 66 12.33 15.79 -11.49
N VAL A 67 11.91 15.94 -12.74
CA VAL A 67 12.13 17.20 -13.45
C VAL A 67 11.12 18.29 -13.09
N ASN A 68 9.83 17.98 -13.14
CA ASN A 68 8.79 19.01 -12.98
C ASN A 68 8.08 19.02 -11.64
N GLY A 69 8.43 18.09 -10.76
CA GLY A 69 7.89 18.06 -9.41
C GLY A 69 6.45 17.56 -9.29
N GLN A 70 5.82 17.27 -10.43
CA GLN A 70 4.42 16.83 -10.43
C GLN A 70 4.26 15.44 -9.80
N TRP A 71 3.13 15.24 -9.13
CA TRP A 71 2.78 13.95 -8.55
C TRP A 71 1.89 13.17 -9.50
N ASN A 72 1.81 11.86 -9.26
CA ASN A 72 0.86 11.00 -9.97
C ASN A 72 0.05 10.21 -8.94
N GLY A 73 -0.73 9.25 -9.42
CA GLY A 73 -1.45 8.36 -8.52
C GLY A 73 -2.55 8.98 -7.68
N MET A 74 -2.86 8.29 -6.60
CA MET A 74 -3.88 8.77 -5.66
C MET A 74 -3.49 10.10 -5.06
N VAL A 75 -2.20 10.30 -4.83
CA VAL A 75 -1.73 11.57 -4.26
C VAL A 75 -2.12 12.72 -5.19
N ARG A 76 -1.87 12.57 -6.49
CA ARG A 76 -2.26 13.61 -7.44
C ARG A 76 -3.77 13.81 -7.52
N GLU A 77 -4.56 12.73 -7.45
CA GLU A 77 -6.01 12.87 -7.49
C GLU A 77 -6.50 13.74 -6.35
N LEU A 78 -5.89 13.59 -5.17
CA LEU A 78 -6.24 14.43 -4.02
C LEU A 78 -5.82 15.89 -4.24
N ILE A 79 -4.58 16.10 -4.67
CA ILE A 79 -4.06 17.45 -4.93
C ILE A 79 -4.99 18.21 -5.86
N ASP A 80 -5.50 17.55 -6.89
CA ASP A 80 -6.33 18.23 -7.90
C ASP A 80 -7.81 18.20 -7.59
N HIS A 81 -8.17 17.72 -6.40
CA HIS A 81 -9.57 17.66 -5.96
C HIS A 81 -10.42 16.79 -6.89
N LYS A 82 -9.81 15.73 -7.42
CA LYS A 82 -10.54 14.75 -8.21
C LYS A 82 -11.17 13.70 -7.28
N ALA A 83 -10.66 13.64 -6.05
CA ALA A 83 -11.23 12.79 -5.02
C ALA A 83 -11.28 13.56 -3.70
N ASP A 84 -12.26 13.22 -2.87
CA ASP A 84 -12.38 13.80 -1.53
C ASP A 84 -11.53 13.05 -0.51
N LEU A 85 -11.40 11.74 -0.68
CA LEU A 85 -10.63 10.90 0.24
C LEU A 85 -9.90 9.83 -0.55
N ALA A 86 -8.75 9.39 -0.04
CA ALA A 86 -8.11 8.16 -0.50
C ALA A 86 -8.16 7.17 0.66
N VAL A 87 -8.93 6.10 0.48
CA VAL A 87 -9.03 5.06 1.50
C VAL A 87 -8.43 3.81 0.89
N ALA A 88 -7.19 3.54 1.29
CA ALA A 88 -6.31 2.60 0.62
C ALA A 88 -5.14 2.34 1.55
N PRO A 89 -4.32 1.34 1.24
CA PRO A 89 -3.10 1.13 2.02
C PRO A 89 -2.04 2.16 1.56
N LEU A 90 -2.25 3.40 1.96
CA LEU A 90 -1.49 4.56 1.50
C LEU A 90 -0.51 4.96 2.59
N THR A 91 0.77 4.83 2.30
CA THR A 91 1.80 5.04 3.31
C THR A 91 2.02 6.52 3.62
N ILE A 92 2.02 6.83 4.93
CA ILE A 92 2.23 8.20 5.41
C ILE A 92 3.73 8.49 5.39
N THR A 93 4.11 9.47 4.60
CA THR A 93 5.52 9.88 4.52
C THR A 93 5.60 11.41 4.48
N TYR A 94 6.73 11.94 4.92
N TYR A 94 6.73 11.97 4.91
CA TYR A 94 6.91 13.39 4.99
CA TYR A 94 6.85 13.44 4.98
C TYR A 94 6.75 14.09 3.65
C TYR A 94 6.70 14.10 3.62
N VAL A 95 7.28 13.52 2.58
CA VAL A 95 7.19 14.19 1.28
C VAL A 95 5.73 14.24 0.82
N ARG A 96 4.95 13.20 1.13
CA ARG A 96 3.53 13.23 0.83
C ARG A 96 2.80 14.24 1.70
N GLU A 97 3.18 14.32 2.96
CA GLU A 97 2.55 15.28 3.88
C GLU A 97 2.73 16.73 3.44
N LYS A 98 3.72 17.00 2.60
CA LYS A 98 3.95 18.37 2.10
C LYS A 98 2.88 18.79 1.10
N VAL A 99 2.17 17.83 0.54
CA VAL A 99 1.19 18.10 -0.51
C VAL A 99 -0.24 17.61 -0.25
N ILE A 100 -0.41 16.60 0.62
CA ILE A 100 -1.73 16.14 1.02
C ILE A 100 -1.72 15.96 2.54
N ASP A 101 -2.89 15.80 3.14
CA ASP A 101 -3.00 15.49 4.56
C ASP A 101 -3.33 14.02 4.76
N PHE A 102 -2.94 13.50 5.91
CA PHE A 102 -3.27 12.13 6.30
C PHE A 102 -3.96 12.14 7.66
N SER A 103 -4.87 11.20 7.84
CA SER A 103 -5.35 10.84 9.16
C SER A 103 -4.19 10.23 9.93
N LYS A 104 -4.36 10.09 11.23
CA LYS A 104 -3.50 9.19 11.98
C LYS A 104 -3.58 7.77 11.39
N PRO A 105 -2.55 6.97 11.63
CA PRO A 105 -2.51 5.67 10.95
C PRO A 105 -3.52 4.66 11.45
N PHE A 106 -4.07 3.86 10.55
CA PHE A 106 -4.96 2.76 10.92
C PHE A 106 -4.24 1.43 10.96
N MET A 107 -3.00 1.37 10.44
CA MET A 107 -2.23 0.13 10.45
C MET A 107 -0.75 0.53 10.39
N THR A 108 0.09 -0.24 11.06
CA THR A 108 1.54 -0.02 11.00
C THR A 108 2.24 -1.12 10.23
N LEU A 109 3.39 -0.76 9.65
CA LEU A 109 4.14 -1.65 8.77
C LEU A 109 5.57 -1.16 8.60
N GLY A 110 6.38 -1.98 7.94
CA GLY A 110 7.67 -1.54 7.45
C GLY A 110 8.01 -2.32 6.20
N ILE A 111 8.94 -1.81 5.41
CA ILE A 111 9.40 -2.54 4.23
C ILE A 111 10.13 -3.79 4.67
N SER A 112 9.90 -4.89 3.96
CA SER A 112 10.72 -6.08 4.13
C SER A 112 10.86 -6.75 2.77
N ILE A 113 11.27 -8.02 2.77
CA ILE A 113 11.64 -8.73 1.53
C ILE A 113 10.77 -9.97 1.40
N LEU A 114 10.13 -10.12 0.25
CA LEU A 114 9.37 -11.34 -0.10
C LEU A 114 10.23 -12.17 -1.05
N TYR A 115 10.47 -13.45 -0.73
CA TYR A 115 11.31 -14.29 -1.58
C TYR A 115 10.85 -15.74 -1.40
N ARG A 116 11.57 -16.64 -2.03
CA ARG A 116 11.26 -18.06 -1.89
C ARG A 116 12.03 -18.64 -0.69
N LYS A 117 11.57 -19.80 -0.20
CA LYS A 117 12.27 -20.50 0.86
C LYS A 117 13.48 -21.26 0.33
N GLY A 118 14.30 -21.73 1.28
CA GLY A 118 15.36 -22.67 0.97
C GLY A 118 16.60 -22.06 0.35
N THR A 119 16.78 -20.76 0.53
CA THR A 119 18.02 -20.10 0.15
C THR A 119 18.76 -19.66 1.43
N PRO A 120 20.07 -19.37 1.32
CA PRO A 120 20.82 -18.88 2.49
C PRO A 120 20.60 -17.39 2.76
N ILE A 121 19.92 -16.69 1.86
CA ILE A 121 19.74 -15.22 1.94
C ILE A 121 18.96 -14.83 3.16
N ASP A 122 19.42 -13.76 3.80
CA ASP A 122 18.93 -13.45 5.11
C ASP A 122 18.69 -11.97 5.35
N SER A 123 19.03 -11.10 4.40
CA SER A 123 18.93 -9.66 4.63
C SER A 123 19.05 -8.88 3.33
N ALA A 124 18.70 -7.60 3.38
CA ALA A 124 18.90 -6.71 2.24
C ALA A 124 20.36 -6.67 1.82
N ASP A 125 21.29 -6.72 2.77
CA ASP A 125 22.71 -6.68 2.44
C ASP A 125 23.08 -7.82 1.50
N ASP A 126 22.48 -8.99 1.70
CA ASP A 126 22.76 -10.13 0.84
C ASP A 126 22.32 -9.90 -0.60
N LEU A 127 21.22 -9.18 -0.78
CA LEU A 127 20.78 -8.79 -2.12
C LEU A 127 21.68 -7.71 -2.72
N ALA A 128 21.99 -6.69 -1.92
CA ALA A 128 22.68 -5.51 -2.43
C ALA A 128 24.07 -5.82 -2.99
N LYS A 129 24.73 -6.83 -2.44
CA LYS A 129 26.10 -7.14 -2.84
C LYS A 129 26.21 -8.00 -4.09
N GLN A 130 25.10 -8.33 -4.74
CA GLN A 130 25.14 -9.25 -5.86
C GLN A 130 24.13 -8.83 -6.92
N THR A 131 24.16 -9.49 -8.07
CA THR A 131 23.30 -9.13 -9.18
C THR A 131 22.73 -10.36 -9.91
N LYS A 132 22.89 -11.54 -9.33
CA LYS A 132 22.26 -12.76 -9.88
C LYS A 132 20.75 -12.81 -9.56
N ILE A 133 20.44 -12.62 -8.28
CA ILE A 133 19.07 -12.50 -7.81
C ILE A 133 18.64 -11.08 -8.03
N GLU A 134 17.66 -10.87 -8.87
CA GLU A 134 17.13 -9.54 -9.09
C GLU A 134 16.16 -9.15 -7.98
N TYR A 135 15.94 -7.85 -7.84
CA TYR A 135 15.03 -7.34 -6.81
C TYR A 135 14.51 -6.01 -7.24
N GLY A 136 13.34 -5.67 -6.72
CA GLY A 136 12.67 -4.44 -7.08
C GLY A 136 11.46 -4.19 -6.22
N ALA A 137 10.58 -3.33 -6.72
CA ALA A 137 9.47 -2.81 -5.93
C ALA A 137 8.41 -2.34 -6.89
N VAL A 138 7.23 -2.03 -6.35
CA VAL A 138 6.18 -1.47 -7.17
C VAL A 138 6.56 -0.06 -7.64
N GLU A 139 6.43 0.20 -8.94
CA GLU A 139 6.80 1.50 -9.45
C GLU A 139 5.87 2.59 -8.90
N ASP A 140 6.46 3.73 -8.51
CA ASP A 140 5.72 4.92 -8.06
C ASP A 140 4.94 4.71 -6.79
N GLY A 141 5.43 3.79 -5.95
CA GLY A 141 4.98 3.65 -4.58
C GLY A 141 6.04 4.10 -3.60
N SER A 142 5.68 4.09 -2.32
CA SER A 142 6.57 4.58 -1.28
C SER A 142 7.80 3.71 -1.09
N THR A 143 7.71 2.42 -1.40
CA THR A 143 8.91 1.58 -1.28
C THR A 143 9.98 2.01 -2.30
N MET A 144 9.55 2.21 -3.53
CA MET A 144 10.45 2.73 -4.54
C MET A 144 11.07 4.06 -4.09
N THR A 145 10.25 4.95 -3.57
CA THR A 145 10.73 6.27 -3.17
C THR A 145 11.68 6.17 -1.99
N PHE A 146 11.43 5.25 -1.07
CA PHE A 146 12.33 5.01 0.05
C PHE A 146 13.74 4.75 -0.49
N PHE A 147 13.86 3.78 -1.39
CA PHE A 147 15.18 3.45 -1.95
C PHE A 147 15.78 4.60 -2.77
N LYS A 148 14.94 5.29 -3.53
CA LYS A 148 15.39 6.39 -4.40
C LYS A 148 16.05 7.50 -3.59
N LYS A 149 15.59 7.77 -2.37
CA LYS A 149 16.07 8.93 -1.63
C LYS A 149 16.95 8.55 -0.45
N SER A 150 17.02 7.29 -0.08
CA SER A 150 17.83 6.93 1.11
C SER A 150 19.32 7.18 0.88
N LYS A 151 20.01 7.63 1.91
CA LYS A 151 21.47 7.77 1.90
C LYS A 151 22.16 6.61 2.61
N ILE A 152 21.38 5.68 3.15
CA ILE A 152 21.99 4.52 3.77
C ILE A 152 22.73 3.73 2.69
N SER A 153 23.97 3.37 2.96
CA SER A 153 24.82 2.75 1.96
C SER A 153 24.16 1.57 1.23
N THR A 154 23.61 0.64 1.99
CA THR A 154 22.99 -0.54 1.40
C THR A 154 21.83 -0.14 0.48
N TYR A 155 21.02 0.81 0.92
CA TYR A 155 19.82 1.15 0.18
C TYR A 155 20.14 1.99 -1.06
N ASP A 156 21.17 2.83 -0.95
CA ASP A 156 21.67 3.58 -2.10
C ASP A 156 22.19 2.62 -3.19
N LYS A 157 22.93 1.59 -2.79
CA LYS A 157 23.42 0.58 -3.74
C LYS A 157 22.25 -0.16 -4.38
N MET A 158 21.23 -0.49 -3.58
CA MET A 158 20.02 -1.14 -4.10
C MET A 158 19.27 -0.25 -5.07
N TRP A 159 19.22 1.05 -4.80
CA TRP A 159 18.56 1.94 -5.75
C TRP A 159 19.36 2.03 -7.07
N ALA A 160 20.68 2.09 -6.97
CA ALA A 160 21.49 2.11 -8.19
C ALA A 160 21.15 0.88 -9.07
N PHE A 161 20.97 -0.26 -8.43
CA PHE A 161 20.58 -1.50 -9.12
C PHE A 161 19.21 -1.34 -9.78
N MET A 162 18.20 -0.92 -8.99
CA MET A 162 16.84 -0.81 -9.51
C MET A 162 16.72 0.23 -10.63
N SER A 163 17.38 1.37 -10.43
N SER A 163 17.40 1.36 -10.44
CA SER A 163 17.23 2.47 -11.36
CA SER A 163 17.25 2.52 -11.33
C SER A 163 17.72 2.04 -12.74
C SER A 163 17.83 2.27 -12.72
N SER A 164 18.88 1.41 -12.80
N SER A 164 18.83 1.40 -12.81
CA SER A 164 19.44 1.03 -14.09
CA SER A 164 19.41 1.05 -14.09
C SER A 164 18.64 -0.08 -14.77
C SER A 164 18.60 -0.06 -14.78
N ARG A 165 17.81 -0.77 -13.99
CA ARG A 165 17.02 -1.90 -14.48
C ARG A 165 15.53 -1.64 -14.31
N ARG A 166 15.13 -0.36 -14.31
CA ARG A 166 13.74 0.02 -13.99
C ARG A 166 12.69 -0.80 -14.75
N GLN A 167 12.88 -0.95 -16.06
CA GLN A 167 11.88 -1.62 -16.89
C GLN A 167 11.75 -3.09 -16.56
N SER A 168 12.81 -3.68 -16.01
CA SER A 168 12.82 -5.11 -15.72
C SER A 168 12.60 -5.48 -14.25
N VAL A 169 12.79 -4.56 -13.31
CA VAL A 169 12.61 -4.91 -11.89
C VAL A 169 11.61 -4.06 -11.12
N LEU A 170 11.21 -2.91 -11.65
CA LEU A 170 10.09 -2.18 -11.04
C LEU A 170 8.83 -2.69 -11.71
N VAL A 171 7.83 -2.97 -10.90
CA VAL A 171 6.65 -3.69 -11.35
C VAL A 171 5.39 -2.85 -11.21
N LYS A 172 4.39 -3.17 -12.00
CA LYS A 172 3.18 -2.35 -12.08
C LYS A 172 2.26 -2.51 -10.88
N SER A 173 2.43 -3.60 -10.13
CA SER A 173 1.53 -3.90 -9.02
C SER A 173 2.20 -4.93 -8.13
N SER A 174 1.75 -5.05 -6.89
CA SER A 174 2.25 -6.09 -6.02
C SER A 174 1.98 -7.47 -6.57
N GLU A 175 0.82 -7.66 -7.17
CA GLU A 175 0.50 -8.96 -7.75
C GLU A 175 1.56 -9.34 -8.77
N GLU A 176 1.92 -8.39 -9.63
CA GLU A 176 2.97 -8.65 -10.62
C GLU A 176 4.29 -8.97 -9.93
N GLY A 177 4.62 -8.24 -8.86
CA GLY A 177 5.84 -8.55 -8.13
C GLY A 177 5.85 -9.97 -7.58
N ILE A 178 4.72 -10.41 -7.03
CA ILE A 178 4.63 -11.79 -6.55
C ILE A 178 4.86 -12.76 -7.70
N GLN A 179 4.26 -12.47 -8.85
CA GLN A 179 4.46 -13.32 -10.02
C GLN A 179 5.94 -13.42 -10.39
N ARG A 180 6.69 -12.33 -10.25
CA ARG A 180 8.13 -12.34 -10.54
C ARG A 180 8.85 -13.27 -9.57
N VAL A 181 8.47 -13.24 -8.31
CA VAL A 181 9.08 -14.13 -7.33
C VAL A 181 8.81 -15.60 -7.69
N LEU A 182 7.63 -15.89 -8.24
CA LEU A 182 7.25 -17.27 -8.60
C LEU A 182 7.86 -17.73 -9.93
N THR A 183 8.27 -16.81 -10.81
CA THR A 183 8.61 -17.15 -12.20
C THR A 183 10.04 -16.83 -12.60
N SER A 184 10.83 -16.25 -11.69
CA SER A 184 12.22 -15.87 -11.97
C SER A 184 13.01 -15.83 -10.67
N ASP A 185 14.31 -15.58 -10.75
CA ASP A 185 15.12 -15.42 -9.53
C ASP A 185 15.01 -13.97 -9.07
N TYR A 186 13.98 -13.68 -8.27
CA TYR A 186 13.58 -12.30 -7.94
C TYR A 186 13.04 -12.25 -6.53
N ALA A 187 13.46 -11.21 -5.83
CA ALA A 187 12.96 -10.87 -4.48
C ALA A 187 12.26 -9.53 -4.56
N LEU A 188 11.07 -9.46 -3.96
CA LEU A 188 10.27 -8.22 -3.99
C LEU A 188 10.42 -7.48 -2.67
N LEU A 189 10.69 -6.18 -2.76
CA LEU A 189 10.66 -5.31 -1.59
C LEU A 189 9.20 -4.91 -1.41
N MET A 190 8.61 -5.36 -0.32
CA MET A 190 7.16 -5.28 -0.10
C MET A 190 6.90 -4.92 1.35
N GLU A 191 5.81 -4.20 1.61
CA GLU A 191 5.43 -3.84 2.97
C GLU A 191 5.02 -5.07 3.78
N SER A 192 5.39 -5.05 5.06
CA SER A 192 5.31 -6.23 5.91
C SER A 192 3.90 -6.76 6.14
N THR A 193 2.94 -5.86 6.24
CA THR A 193 1.51 -6.18 6.26
C THR A 193 1.11 -7.08 5.11
N THR A 194 1.47 -6.63 3.93
CA THR A 194 1.13 -7.34 2.73
C THR A 194 1.87 -8.66 2.64
N ILE A 195 3.14 -8.69 3.06
CA ILE A 195 3.90 -9.93 3.09
C ILE A 195 3.21 -10.94 4.00
N GLU A 196 2.72 -10.50 5.15
CA GLU A 196 2.07 -11.43 6.07
C GLU A 196 0.86 -12.09 5.41
N PHE A 197 0.10 -11.32 4.64
CA PHE A 197 -1.03 -11.89 3.90
C PHE A 197 -0.55 -12.90 2.86
N VAL A 198 0.42 -12.49 2.05
CA VAL A 198 0.88 -13.31 0.95
C VAL A 198 1.48 -14.64 1.41
N THR A 199 2.29 -14.61 2.47
CA THR A 199 2.97 -15.81 2.93
C THR A 199 2.04 -16.75 3.70
N GLN A 200 0.89 -16.25 4.14
CA GLN A 200 -0.09 -17.16 4.73
C GLN A 200 -0.97 -17.81 3.67
N ARG A 201 -0.89 -17.35 2.42
N ARG A 201 -0.94 -17.28 2.44
CA ARG A 201 -1.66 -17.94 1.32
CA ARG A 201 -1.66 -17.90 1.32
C ARG A 201 -0.80 -18.67 0.29
C ARG A 201 -0.75 -18.88 0.56
N ASN A 202 0.51 -18.48 0.35
CA ASN A 202 1.43 -19.21 -0.52
C ASN A 202 2.59 -19.72 0.31
N CYS A 203 2.58 -21.02 0.59
CA CYS A 203 3.54 -21.59 1.53
C CYS A 203 4.90 -21.78 0.88
N ASN A 204 5.02 -21.46 -0.41
CA ASN A 204 6.32 -21.44 -1.07
C ASN A 204 7.13 -20.18 -0.81
N LEU A 205 6.47 -19.16 -0.25
CA LEU A 205 7.08 -17.84 -0.10
C LEU A 205 7.34 -17.54 1.36
N THR A 206 8.27 -16.62 1.60
CA THR A 206 8.65 -16.27 2.95
C THR A 206 9.17 -14.84 2.99
N GLN A 207 9.12 -14.26 4.19
CA GLN A 207 9.80 -13.02 4.47
C GLN A 207 11.28 -13.27 4.73
N ILE A 208 12.13 -12.44 4.16
CA ILE A 208 13.59 -12.48 4.42
C ILE A 208 13.96 -11.30 5.31
N GLY A 209 14.55 -11.62 6.45
CA GLY A 209 14.97 -10.58 7.37
C GLY A 209 13.79 -9.94 8.06
N GLY A 210 14.05 -8.79 8.66
CA GLY A 210 13.05 -8.05 9.41
C GLY A 210 12.55 -6.85 8.64
N LEU A 211 11.94 -5.92 9.38
CA LEU A 211 11.48 -4.68 8.81
C LEU A 211 12.65 -3.72 8.75
N ILE A 212 12.74 -3.06 7.61
N ILE A 212 12.81 -3.04 7.62
CA ILE A 212 13.79 -2.10 7.30
CA ILE A 212 13.91 -2.08 7.51
C ILE A 212 13.51 -0.73 7.91
C ILE A 212 13.51 -0.65 7.83
N ASP A 213 12.21 -0.42 8.07
CA ASP A 213 11.77 0.90 8.51
C ASP A 213 10.46 0.71 9.27
N SER A 214 9.79 1.81 9.61
CA SER A 214 8.62 1.74 10.46
C SER A 214 7.73 2.93 10.18
N LYS A 215 6.49 2.65 9.81
CA LYS A 215 5.59 3.69 9.36
C LYS A 215 4.15 3.19 9.41
N GLY A 216 3.24 3.98 8.85
CA GLY A 216 1.83 3.64 8.91
C GLY A 216 1.09 3.95 7.62
N TYR A 217 -0.07 3.30 7.45
CA TYR A 217 -1.05 3.66 6.45
C TYR A 217 -2.06 4.62 7.04
N GLY A 218 -2.43 5.64 6.27
CA GLY A 218 -3.48 6.56 6.67
C GLY A 218 -4.43 6.86 5.54
N VAL A 219 -5.58 7.41 5.90
CA VAL A 219 -6.49 7.93 4.91
C VAL A 219 -5.98 9.29 4.44
N GLY A 220 -5.93 9.48 3.13
CA GLY A 220 -5.45 10.72 2.56
C GLY A 220 -6.60 11.66 2.26
N THR A 221 -6.36 12.95 2.44
CA THR A 221 -7.31 13.98 2.03
C THR A 221 -6.56 15.10 1.34
N PRO A 222 -7.26 15.93 0.55
CA PRO A 222 -6.59 17.14 0.06
C PRO A 222 -6.17 18.00 1.24
N MET A 223 -5.13 18.79 1.08
CA MET A 223 -4.65 19.63 2.16
C MET A 223 -5.76 20.56 2.59
N GLY A 224 -5.93 20.68 3.90
CA GLY A 224 -6.94 21.57 4.46
C GLY A 224 -8.32 20.95 4.61
N SER A 225 -8.50 19.69 4.22
CA SER A 225 -9.83 19.12 4.26
C SER A 225 -10.31 18.99 5.70
N PRO A 226 -11.57 19.37 5.94
CA PRO A 226 -12.13 19.23 7.29
C PRO A 226 -12.37 17.77 7.66
N TYR A 227 -12.39 16.90 6.66
CA TYR A 227 -12.61 15.49 6.94
C TYR A 227 -11.43 14.82 7.64
N ARG A 228 -10.22 15.35 7.51
CA ARG A 228 -9.03 14.66 8.02
C ARG A 228 -9.08 14.44 9.54
N ASP A 229 -9.34 15.50 10.28
CA ASP A 229 -9.37 15.37 11.75
C ASP A 229 -10.54 14.52 12.20
N LYS A 230 -11.67 14.59 11.49
CA LYS A 230 -12.84 13.78 11.86
C LYS A 230 -12.55 12.29 11.62
N ILE A 231 -11.82 12.01 10.54
CA ILE A 231 -11.44 10.64 10.22
C ILE A 231 -10.43 10.11 11.25
N THR A 232 -9.50 10.94 11.67
CA THR A 232 -8.60 10.55 12.76
C THR A 232 -9.39 10.12 13.99
N ILE A 233 -10.39 10.90 14.38
CA ILE A 233 -11.17 10.58 15.57
C ILE A 233 -11.87 9.21 15.37
N ALA A 234 -12.42 9.00 14.19
CA ALA A 234 -13.11 7.76 13.87
C ALA A 234 -12.15 6.57 13.93
N ILE A 235 -10.95 6.73 13.39
CA ILE A 235 -9.96 5.66 13.43
C ILE A 235 -9.61 5.32 14.88
N LEU A 236 -9.43 6.34 15.72
CA LEU A 236 -9.10 6.05 17.11
C LEU A 236 -10.22 5.28 17.81
N GLN A 237 -11.48 5.63 17.52
CA GLN A 237 -12.62 4.90 18.07
C GLN A 237 -12.63 3.46 17.61
N LEU A 238 -12.42 3.25 16.31
CA LEU A 238 -12.40 1.90 15.76
C LEU A 238 -11.27 1.08 16.36
N GLN A 239 -10.15 1.72 16.61
CA GLN A 239 -9.00 1.05 17.22
C GLN A 239 -9.34 0.65 18.66
N GLU A 240 -9.85 1.61 19.43
N GLU A 240 -9.83 1.62 19.44
CA GLU A 240 -10.08 1.41 20.87
CA GLU A 240 -10.09 1.41 20.86
C GLU A 240 -11.08 0.28 21.15
C GLU A 240 -11.05 0.25 21.11
N GLU A 241 -12.13 0.19 20.35
CA GLU A 241 -13.15 -0.84 20.57
C GLU A 241 -12.81 -2.19 19.98
N GLY A 242 -11.66 -2.31 19.33
CA GLY A 242 -11.23 -3.58 18.80
C GLY A 242 -11.65 -3.86 17.38
N LYS A 243 -12.37 -2.94 16.75
CA LYS A 243 -12.85 -3.18 15.40
C LYS A 243 -11.72 -3.31 14.36
N LEU A 244 -10.68 -2.47 14.44
CA LEU A 244 -9.59 -2.57 13.47
C LEU A 244 -8.87 -3.92 13.60
N HIS A 245 -8.72 -4.38 14.83
CA HIS A 245 -8.09 -5.66 15.07
C HIS A 245 -8.92 -6.78 14.45
N MET A 246 -10.22 -6.73 14.64
N MET A 246 -10.23 -6.72 14.64
CA MET A 246 -11.09 -7.75 14.06
CA MET A 246 -11.12 -7.70 14.07
C MET A 246 -11.12 -7.68 12.54
C MET A 246 -11.08 -7.68 12.55
N MET A 247 -11.02 -6.47 12.00
CA MET A 247 -11.01 -6.30 10.55
C MET A 247 -9.75 -6.89 9.95
N LYS A 248 -8.63 -6.68 10.61
CA LYS A 248 -7.38 -7.27 10.13
C LYS A 248 -7.49 -8.80 10.19
N GLU A 249 -8.00 -9.34 11.29
N GLU A 249 -7.98 -9.34 11.30
CA GLU A 249 -8.08 -10.79 11.42
CA GLU A 249 -8.10 -10.79 11.42
C GLU A 249 -8.98 -11.40 10.34
C GLU A 249 -8.92 -11.33 10.26
N LYS A 250 -10.05 -10.69 9.99
CA LYS A 250 -10.97 -11.14 8.96
C LYS A 250 -10.29 -11.26 7.60
N TRP A 251 -9.53 -10.25 7.22
CA TRP A 251 -8.99 -10.19 5.87
C TRP A 251 -7.64 -10.87 5.72
N TRP A 252 -6.94 -11.11 6.83
CA TRP A 252 -5.61 -11.73 6.75
C TRP A 252 -5.64 -13.23 6.92
N ARG A 253 -6.78 -13.77 7.35
CA ARG A 253 -6.97 -15.22 7.56
C ARG A 253 -6.20 -16.07 6.57
N GLY A 256 -2.98 -23.30 5.35
CA GLY A 256 -1.59 -22.91 5.48
C GLY A 256 -1.46 -21.59 6.21
N CYS A 257 -0.23 -21.15 6.52
CA CYS A 257 1.03 -21.84 6.18
C CYS A 257 1.87 -21.97 7.44
N PRO A 258 2.72 -23.00 7.53
CA PRO A 258 3.61 -23.12 8.69
C PRO A 258 4.55 -21.93 8.79
N GLU A 259 4.85 -21.51 10.02
CA GLU A 259 5.77 -20.40 10.23
C GLU A 259 6.72 -20.69 11.37
CB SYM B . 2.48 1.08 -1.97
CG1 SYM B . 3.20 -0.28 -1.88
CG2 SYM B . 2.82 -1.21 -3.03
CD SYM B . 4.73 -0.13 -1.86
OE1 SYM B . 5.23 0.94 -2.29
OE2 SYM B . 5.39 -1.12 -1.42
C SYM B . 2.32 3.43 -1.05
OT1 SYM B . 1.49 4.04 -0.32
OT2 SYM B . 2.91 3.98 -2.03
N SYM B . 1.75 1.47 0.39
CA SYM B . 2.64 1.96 -0.71
HB1 SYM B . 2.84 1.57 -2.75
HB2 SYM B . 1.52 0.91 -2.12
HG1 SYM B . 2.92 -0.71 -1.04
HG21 SYM B . 1.85 -1.38 -3.00
HG22 SYM B . 3.31 -2.06 -2.95
HG23 SYM B . 3.05 -0.78 -3.88
HN1 SYM B . 1.01 2.01 0.46
HN2 SYM B . 2.21 1.48 1.18
HA SYM B . 3.57 1.90 -0.42
#